data_9GET
#
_entry.id   9GET
#
_cell.length_a   40.038
_cell.length_b   34.773
_cell.length_c   91.268
_cell.angle_alpha   90.00
_cell.angle_beta   97.51
_cell.angle_gamma   90.00
#
_symmetry.space_group_name_H-M   'I 1 2 1'
#
loop_
_entity.id
_entity.type
_entity.pdbx_description
1 polymer CREBBP
2 non-polymer (4~{R})-6-[(~{E})-5-(7-methoxy-3,4-dihydro-2~{H}-quinolin-1-yl)pent-1-enyl]-4-methyl-8-morpholin-4-ylcarbonyl-1,3,4,5-tetrahydro-1,5-benzodiazepin-2-one
3 water water
#
_entity_poly.entity_id   1
_entity_poly.type   'polypeptide(L)'
_entity_poly.pdbx_seq_one_letter_code
;SMRKKIFKPEELRQALMPTLEALYRQDPESLPFRQPVDPQLLGIPDYFDIVKNPMDLSTIKRKLDTGQYQEPWQYVDDVW
LMFNNAWLYNRKTSRVYKFCSKLAEVFEQEIDPVMQSLG
;
_entity_poly.pdbx_strand_id   A
#
loop_
_chem_comp.id
_chem_comp.type
_chem_comp.name
_chem_comp.formula
A1IKM non-polymer (4~{R})-6-[(~{E})-5-(7-methoxy-3,4-dihydro-2~{H}-quinolin-1-yl)pent-1-enyl]-4-methyl-8-morpholin-4-ylcarbonyl-1,3,4,5-tetrahydro-1,5-benzodiazepin-2-one 'C30 H38 N4 O4'
#
# COMPACT_ATOMS: atom_id res chain seq x y z
C SER A 1 -23.70 2.23 -7.96
N MET A 2 -24.87 2.59 -7.41
CA MET A 2 -25.11 2.40 -5.99
C MET A 2 -25.09 0.93 -5.60
N ARG A 3 -25.68 0.07 -6.41
CA ARG A 3 -25.62 -1.38 -6.20
C ARG A 3 -24.26 -1.85 -6.67
N LYS A 4 -23.47 -2.42 -5.75
CA LYS A 4 -22.10 -2.78 -6.06
C LYS A 4 -22.05 -3.97 -7.01
N LYS A 5 -21.24 -3.85 -8.08
CA LYS A 5 -20.91 -5.02 -8.88
C LYS A 5 -20.03 -5.96 -8.05
N ILE A 6 -20.13 -7.26 -8.36
CA ILE A 6 -19.36 -8.28 -7.66
C ILE A 6 -18.01 -8.43 -8.36
N PHE A 7 -16.93 -8.32 -7.59
CA PHE A 7 -15.59 -8.63 -8.05
C PHE A 7 -15.13 -9.94 -7.42
N LYS A 8 -14.77 -10.86 -8.23
CA LYS A 8 -14.22 -12.10 -7.75
C LYS A 8 -12.77 -11.90 -7.29
N PRO A 9 -12.36 -12.58 -6.22
CA PRO A 9 -10.99 -12.35 -5.75
C PRO A 9 -9.90 -12.65 -6.75
N GLU A 10 -10.09 -13.64 -7.60
CA GLU A 10 -9.05 -13.97 -8.57
C GLU A 10 -8.93 -12.88 -9.63
N GLU A 11 -10.04 -12.20 -9.94
CA GLU A 11 -10.02 -11.08 -10.89
C GLU A 11 -9.32 -9.86 -10.29
N LEU A 12 -9.58 -9.57 -9.02
CA LEU A 12 -8.87 -8.47 -8.36
C LEU A 12 -7.39 -8.79 -8.27
N ARG A 13 -7.02 -10.04 -7.93
CA ARG A 13 -5.61 -10.36 -7.81
C ARG A 13 -4.91 -10.18 -9.15
N GLN A 14 -5.49 -10.73 -10.22
CA GLN A 14 -4.84 -10.63 -11.52
C GLN A 14 -4.70 -9.16 -11.95
N ALA A 15 -5.75 -8.37 -11.78
CA ALA A 15 -5.73 -6.97 -12.24
C ALA A 15 -4.83 -6.08 -11.40
N LEU A 16 -4.83 -6.27 -10.08
CA LEU A 16 -4.18 -5.32 -9.19
C LEU A 16 -2.74 -5.72 -8.90
N MET A 17 -2.37 -6.99 -8.95
CA MET A 17 -1.01 -7.39 -8.65
C MET A 17 0.05 -6.62 -9.44
N PRO A 18 -0.12 -6.33 -10.73
CA PRO A 18 0.94 -5.56 -11.42
C PRO A 18 1.21 -4.21 -10.79
N THR A 19 0.18 -3.57 -10.24
CA THR A 19 0.41 -2.27 -9.61
C THR A 19 1.20 -2.41 -8.30
N LEU A 20 1.01 -3.51 -7.59
CA LEU A 20 1.79 -3.77 -6.38
C LEU A 20 3.22 -4.17 -6.72
N GLU A 21 3.40 -4.96 -7.80
CA GLU A 21 4.74 -5.31 -8.27
C GLU A 21 5.51 -4.05 -8.67
N ALA A 22 4.84 -3.07 -9.25
CA ALA A 22 5.50 -1.81 -9.61
C ALA A 22 6.09 -1.14 -8.39
N LEU A 23 5.37 -1.17 -7.27
CA LEU A 23 5.89 -0.58 -6.04
C LEU A 23 7.07 -1.38 -5.52
N TYR A 24 6.94 -2.71 -5.46
CA TYR A 24 8.02 -3.56 -4.91
C TYR A 24 9.31 -3.44 -5.71
N ARG A 25 9.17 -3.28 -7.02
CA ARG A 25 10.40 -3.22 -7.79
C ARG A 25 11.15 -1.90 -7.64
N GLN A 26 10.58 -0.87 -7.01
CA GLN A 26 11.32 0.36 -6.80
C GLN A 26 12.42 0.11 -5.76
N ASP A 27 13.66 0.35 -6.15
CA ASP A 27 14.81 0.16 -5.29
C ASP A 27 15.62 1.43 -5.51
N PRO A 28 15.94 2.18 -4.45
CA PRO A 28 15.84 1.80 -3.03
C PRO A 28 14.49 2.11 -2.39
N GLU A 29 13.55 2.71 -3.11
CA GLU A 29 12.43 3.41 -2.46
C GLU A 29 11.46 2.49 -1.75
N SER A 30 11.26 1.22 -2.23
CA SER A 30 10.31 0.34 -1.56
C SER A 30 10.85 -0.30 -0.27
N LEU A 31 12.17 -0.27 -0.04
CA LEU A 31 12.76 -1.11 1.01
CA LEU A 31 12.73 -1.12 1.00
C LEU A 31 12.10 -0.92 2.38
N PRO A 32 11.90 0.31 2.87
CA PRO A 32 11.33 0.47 4.21
C PRO A 32 9.85 0.10 4.30
N PHE A 33 9.21 -0.16 3.16
CA PHE A 33 7.77 -0.45 3.06
C PHE A 33 7.48 -1.93 2.82
N ARG A 34 8.50 -2.76 2.64
CA ARG A 34 8.28 -4.17 2.22
C ARG A 34 7.66 -5.01 3.34
N GLN A 35 8.05 -4.77 4.56
CA GLN A 35 7.60 -5.64 5.67
C GLN A 35 6.91 -4.83 6.77
N PRO A 36 6.08 -5.42 7.65
CA PRO A 36 5.50 -4.71 8.76
C PRO A 36 6.63 -4.29 9.67
N VAL A 37 6.44 -3.14 10.30
CA VAL A 37 7.47 -2.73 11.26
C VAL A 37 7.20 -3.25 12.65
N ASP A 38 8.30 -3.48 13.39
CA ASP A 38 8.32 -3.81 14.81
C ASP A 38 8.92 -2.60 15.51
N PRO A 39 8.10 -1.70 16.05
CA PRO A 39 8.64 -0.43 16.60
C PRO A 39 9.66 -0.62 17.71
N GLN A 40 9.48 -1.63 18.55
CA GLN A 40 10.43 -1.80 19.65
CA GLN A 40 10.44 -1.75 19.65
C GLN A 40 11.81 -2.19 19.14
N LEU A 41 11.85 -3.14 18.19
CA LEU A 41 13.14 -3.57 17.63
C LEU A 41 13.82 -2.45 16.86
N LEU A 42 13.04 -1.65 16.13
CA LEU A 42 13.58 -0.56 15.31
C LEU A 42 13.94 0.67 16.12
N GLY A 43 13.47 0.78 17.36
CA GLY A 43 13.79 1.99 18.11
C GLY A 43 12.89 3.15 17.84
N ILE A 44 11.65 2.91 17.42
CA ILE A 44 10.65 3.96 17.20
C ILE A 44 9.41 3.68 18.04
N PRO A 45 9.55 3.66 19.38
CA PRO A 45 8.46 3.10 20.21
C PRO A 45 7.17 3.88 20.20
N ASP A 46 7.14 5.13 19.70
CA ASP A 46 5.89 5.86 19.60
C ASP A 46 5.13 5.53 18.33
N TYR A 47 5.61 4.59 17.49
CA TYR A 47 5.04 4.45 16.15
C TYR A 47 3.56 4.07 16.21
N PHE A 48 3.19 3.09 17.02
CA PHE A 48 1.76 2.66 17.08
C PHE A 48 0.90 3.68 17.83
N ASP A 49 1.51 4.59 18.58
CA ASP A 49 0.69 5.66 19.20
C ASP A 49 0.20 6.60 18.11
N ILE A 50 1.09 6.91 17.16
CA ILE A 50 0.77 7.88 16.12
CA ILE A 50 0.78 7.88 16.13
C ILE A 50 0.05 7.24 14.94
N VAL A 51 0.45 6.01 14.58
CA VAL A 51 -0.05 5.31 13.39
C VAL A 51 -1.04 4.25 13.88
N LYS A 52 -2.31 4.60 13.80
CA LYS A 52 -3.36 3.73 14.34
C LYS A 52 -3.58 2.48 13.50
N ASN A 53 -3.36 2.55 12.19
CA ASN A 53 -3.64 1.45 11.27
C ASN A 53 -2.41 1.26 10.38
N PRO A 54 -1.38 0.57 10.89
CA PRO A 54 -0.17 0.33 10.08
C PRO A 54 -0.49 -0.46 8.81
N MET A 55 0.28 -0.24 7.75
CA MET A 55 0.08 -0.98 6.51
C MET A 55 1.42 -1.07 5.78
N ASP A 56 1.65 -2.16 5.06
CA ASP A 56 2.92 -2.38 4.36
C ASP A 56 2.68 -3.27 3.12
N LEU A 57 3.64 -3.36 2.23
CA LEU A 57 3.45 -4.08 0.95
C LEU A 57 3.15 -5.57 1.17
N SER A 58 3.83 -6.20 2.14
CA SER A 58 3.63 -7.66 2.36
C SER A 58 2.20 -7.91 2.86
N THR A 59 1.66 -7.04 3.69
CA THR A 59 0.28 -7.18 4.18
C THR A 59 -0.68 -7.01 3.02
N ILE A 60 -0.47 -6.02 2.16
CA ILE A 60 -1.34 -5.84 1.00
C ILE A 60 -1.28 -7.05 0.09
N LYS A 61 -0.08 -7.58 -0.14
CA LYS A 61 0.04 -8.80 -0.99
C LYS A 61 -0.74 -9.98 -0.36
N ARG A 62 -0.62 -10.15 0.95
CA ARG A 62 -1.35 -11.23 1.62
C ARG A 62 -2.85 -11.04 1.48
N LYS A 63 -3.35 -9.81 1.54
CA LYS A 63 -4.77 -9.56 1.35
CA LYS A 63 -4.77 -9.54 1.34
C LYS A 63 -5.22 -9.91 -0.07
N LEU A 64 -4.42 -9.58 -1.09
CA LEU A 64 -4.75 -10.03 -2.46
C LEU A 64 -4.72 -11.54 -2.56
N ASP A 65 -3.70 -12.17 -1.98
CA ASP A 65 -3.53 -13.62 -2.08
C ASP A 65 -4.65 -14.38 -1.41
N THR A 66 -5.24 -13.82 -0.36
CA THR A 66 -6.25 -14.50 0.47
C THR A 66 -7.65 -13.90 0.25
N GLY A 67 -7.85 -13.12 -0.81
CA GLY A 67 -9.19 -12.72 -1.16
C GLY A 67 -9.84 -11.80 -0.13
N GLN A 68 -9.09 -10.84 0.41
CA GLN A 68 -9.64 -9.98 1.50
C GLN A 68 -10.26 -8.67 0.99
N TYR A 69 -10.14 -8.38 -0.29
CA TYR A 69 -10.76 -7.18 -0.83
C TYR A 69 -12.01 -7.58 -1.61
N GLN A 70 -13.12 -6.90 -1.35
CA GLN A 70 -14.35 -7.07 -2.11
C GLN A 70 -14.43 -6.15 -3.31
N GLU A 71 -13.74 -5.03 -3.28
CA GLU A 71 -13.84 -4.05 -4.35
CA GLU A 71 -13.81 -4.09 -4.38
C GLU A 71 -12.47 -3.39 -4.53
N PRO A 72 -12.13 -2.95 -5.74
CA PRO A 72 -10.78 -2.39 -5.95
C PRO A 72 -10.44 -1.15 -5.15
N TRP A 73 -11.41 -0.33 -4.81
N TRP A 73 -11.43 -0.32 -4.81
CA TRP A 73 -11.10 0.85 -4.01
CA TRP A 73 -11.14 0.87 -4.00
C TRP A 73 -10.57 0.48 -2.63
C TRP A 73 -10.61 0.51 -2.62
N GLN A 74 -10.92 -0.70 -2.10
CA GLN A 74 -10.35 -1.08 -0.82
C GLN A 74 -8.85 -1.32 -0.92
N TYR A 75 -8.37 -1.82 -2.05
CA TYR A 75 -6.95 -1.98 -2.27
C TYR A 75 -6.28 -0.61 -2.42
N VAL A 76 -6.88 0.30 -3.22
CA VAL A 76 -6.34 1.65 -3.34
C VAL A 76 -6.25 2.31 -1.98
N ASP A 77 -7.28 2.14 -1.14
CA ASP A 77 -7.28 2.72 0.19
C ASP A 77 -6.11 2.19 1.02
N ASP A 78 -5.80 0.90 0.96
CA ASP A 78 -4.66 0.37 1.71
C ASP A 78 -3.35 0.94 1.22
N VAL A 79 -3.16 1.06 -0.09
CA VAL A 79 -1.92 1.66 -0.59
C VAL A 79 -1.77 3.10 -0.08
N TRP A 80 -2.88 3.86 -0.15
CA TRP A 80 -2.79 5.24 0.31
C TRP A 80 -2.70 5.33 1.82
N LEU A 81 -3.22 4.37 2.58
CA LEU A 81 -3.01 4.35 4.02
C LEU A 81 -1.52 4.20 4.30
N MET A 82 -0.84 3.29 3.61
CA MET A 82 0.59 3.12 3.73
C MET A 82 1.32 4.45 3.46
N PHE A 83 0.94 5.15 2.37
CA PHE A 83 1.58 6.44 2.06
C PHE A 83 1.29 7.47 3.16
N ASN A 84 0.02 7.63 3.51
CA ASN A 84 -0.35 8.66 4.48
C ASN A 84 0.30 8.39 5.85
N ASN A 85 0.43 7.13 6.26
CA ASN A 85 1.12 6.84 7.52
C ASN A 85 2.57 7.31 7.45
N ALA A 86 3.23 7.10 6.31
CA ALA A 86 4.64 7.49 6.21
C ALA A 86 4.81 9.01 6.18
N TRP A 87 3.91 9.72 5.51
CA TRP A 87 3.99 11.21 5.50
C TRP A 87 3.61 11.78 6.86
N LEU A 88 2.84 11.08 7.66
CA LEU A 88 2.47 11.51 9.02
C LEU A 88 3.62 11.28 10.01
N TYR A 89 4.27 10.15 9.95
CA TYR A 89 5.22 9.76 10.99
C TYR A 89 6.61 10.35 10.77
N ASN A 90 7.05 10.49 9.53
CA ASN A 90 8.45 10.77 9.25
C ASN A 90 8.64 12.24 8.90
N ARG A 91 9.83 12.75 9.20
CA ARG A 91 10.17 14.14 8.89
C ARG A 91 10.49 14.31 7.42
N LYS A 92 10.36 15.54 6.93
CA LYS A 92 10.36 15.75 5.47
C LYS A 92 11.70 15.49 4.84
N THR A 93 12.80 15.54 5.57
CA THR A 93 14.12 15.25 5.00
C THR A 93 14.45 13.77 5.04
N SER A 94 13.66 12.94 5.70
CA SER A 94 14.05 11.54 5.89
C SER A 94 13.94 10.71 4.59
N ARG A 95 14.74 9.63 4.55
CA ARG A 95 14.61 8.68 3.43
C ARG A 95 13.18 8.17 3.30
N VAL A 96 12.56 7.76 4.41
CA VAL A 96 11.22 7.17 4.26
C VAL A 96 10.24 8.14 3.66
N TYR A 97 10.31 9.41 4.06
CA TYR A 97 9.37 10.41 3.54
C TYR A 97 9.56 10.61 2.03
N LYS A 98 10.81 10.84 1.62
CA LYS A 98 11.09 11.04 0.21
C LYS A 98 10.79 9.79 -0.61
N PHE A 99 11.15 8.62 -0.06
CA PHE A 99 10.82 7.36 -0.75
C PHE A 99 9.31 7.21 -0.94
N CYS A 100 8.54 7.53 0.10
CA CYS A 100 7.08 7.49 0.01
C CYS A 100 6.58 8.35 -1.14
N SER A 101 7.12 9.56 -1.26
CA SER A 101 6.70 10.45 -2.35
C SER A 101 6.96 9.83 -3.71
N LYS A 102 8.12 9.18 -3.88
CA LYS A 102 8.40 8.52 -5.16
C LYS A 102 7.42 7.35 -5.40
N LEU A 103 7.15 6.52 -4.37
CA LEU A 103 6.17 5.44 -4.58
C LEU A 103 4.81 5.98 -4.97
N ALA A 104 4.39 7.12 -4.42
CA ALA A 104 3.09 7.69 -4.78
C ALA A 104 3.08 8.09 -6.24
N GLU A 105 4.18 8.66 -6.73
CA GLU A 105 4.26 9.01 -8.15
C GLU A 105 4.12 7.74 -9.01
N VAL A 106 4.88 6.70 -8.70
CA VAL A 106 4.79 5.45 -9.47
C VAL A 106 3.38 4.87 -9.43
N PHE A 107 2.79 4.82 -8.23
CA PHE A 107 1.48 4.19 -8.10
C PHE A 107 0.41 4.93 -8.89
N GLU A 108 0.41 6.27 -8.87
CA GLU A 108 -0.57 7.04 -9.60
C GLU A 108 -0.60 6.65 -11.07
N GLN A 109 0.56 6.46 -11.69
CA GLN A 109 0.58 6.13 -13.11
C GLN A 109 0.07 4.71 -13.36
N GLU A 110 0.41 3.77 -12.48
CA GLU A 110 0.01 2.38 -12.66
C GLU A 110 -1.48 2.20 -12.45
N ILE A 111 -2.04 2.83 -11.44
CA ILE A 111 -3.37 2.47 -10.96
C ILE A 111 -4.45 3.02 -11.86
N ASP A 112 -4.20 4.14 -12.54
CA ASP A 112 -5.30 4.77 -13.26
C ASP A 112 -5.91 3.88 -14.34
N PRO A 113 -5.15 3.36 -15.31
CA PRO A 113 -5.81 2.51 -16.32
C PRO A 113 -6.41 1.24 -15.74
N VAL A 114 -5.83 0.69 -14.67
CA VAL A 114 -6.37 -0.50 -14.04
C VAL A 114 -7.73 -0.22 -13.42
N MET A 115 -7.87 0.87 -12.68
CA MET A 115 -9.18 1.20 -12.12
C MET A 115 -10.22 1.44 -13.21
N GLN A 116 -9.81 2.06 -14.31
CA GLN A 116 -10.71 2.22 -15.46
C GLN A 116 -11.15 0.86 -16.01
N SER A 117 -10.24 -0.10 -16.09
CA SER A 117 -10.57 -1.40 -16.66
CA SER A 117 -10.58 -1.40 -16.66
C SER A 117 -11.48 -2.22 -15.75
N LEU A 118 -11.36 -2.05 -14.43
CA LEU A 118 -12.18 -2.82 -13.51
C LEU A 118 -13.57 -2.24 -13.35
N GLY A 119 -13.70 -0.91 -13.35
CA GLY A 119 -14.99 -0.28 -13.21
C GLY A 119 -15.53 -0.36 -11.80
C10 A1IKM B . 11.28 4.22 10.40
C19 A1IKM B . 13.74 6.15 11.10
C23 A1IKM B . 12.99 0.02 8.07
C20 A1IKM B . 12.49 2.21 9.95
C12 A1IKM B . 13.31 3.78 11.69
C21 A1IKM B . 11.56 1.83 8.97
C18 A1IKM B . 15.05 6.59 10.49
C11 A1IKM B . 12.41 3.39 10.66
C29 A1IKM B . 18.04 -1.05 3.87
C30 A1IKM B . 17.46 0.11 2.99
C28 A1IKM B . 16.96 -1.55 4.83
C15 A1IKM B . 14.77 5.32 13.04
C16 A1IKM B . 16.06 5.98 12.51
C02 A1IKM B . 8.08 2.24 7.85
C03 A1IKM B . 7.36 2.74 6.61
C04 A1IKM B . 7.60 2.95 9.14
C05 A1IKM B . 8.02 4.37 9.08
C08 A1IKM B . 10.33 3.87 9.42
C09 A1IKM B . 10.47 2.68 8.73
C22 A1IKM B . 11.75 0.59 8.28
C24 A1IKM B . 13.16 -1.28 7.39
C25 A1IKM B . 14.17 -1.15 6.24
C26 A1IKM B . 15.63 -0.94 6.73
C31 A1IKM B . 16.74 1.13 3.78
C32 A1IKM B . 16.30 0.86 5.13
C33 A1IKM B . 16.52 2.40 3.27
C34 A1IKM B . 15.84 3.41 4.01
C35 A1IKM B . 15.43 3.17 5.30
C36 A1IKM B . 15.63 1.86 5.87
C38 A1IKM B . 14.40 3.89 7.35
N01 A1IKM B . 9.49 2.39 7.72
N07 A1IKM B . 9.24 4.81 9.22
N14 A1IKM B . 13.88 4.96 11.96
N27 A1IKM B . 16.51 -0.43 5.70
O06 A1IKM B . 7.13 5.24 8.86
O13 A1IKM B . 13.62 2.87 12.51
O17 A1IKM B . 16.21 6.02 11.10
O37 A1IKM B . 14.78 4.16 6.00
#